data_3PZS
#
_entry.id   3PZS
#
_cell.length_a   67.914
_cell.length_b   88.101
_cell.length_c   102.917
_cell.angle_alpha   90.00
_cell.angle_beta   90.00
_cell.angle_gamma   90.00
#
_symmetry.space_group_name_H-M   'P 21 21 21'
#
loop_
_entity.id
_entity.type
_entity.pdbx_description
1 polymer 'Pyridoxamine kinase'
2 non-polymer 'SODIUM ION'
3 non-polymer 'SULFATE ION'
4 non-polymer BETA-MERCAPTOETHANOL
5 water water
#
_entity_poly.entity_id   1
_entity_poly.type   'polypeptide(L)'
_entity_poly.pdbx_seq_one_letter_code
;SNA(MSE)KNILSIQSHVVFGHAGNSAAEFP(MSE)RR(MSE)GVNVWPLNTVQFSNHTQYGHWTGCV(MSE)PASHLTD
IVQGIADIDRLKDCDAVLSGYIGSPEQGSHILAAVAQVKQANPDAWYFCDPV(MSE)GHPEKGCIVAPGVAEFFCNEALP
ASD(MSE)IAPNLLELEQLSGERVENVEQAVQVARSLCARGPKVVLVKHLSRAGYHADCFE(MSE)LLVTADDAWHICRP
LVDFGKRQPVGVGDLTSGLLLVNLLKGEPLDKALEHVTAAVYEV(MSE)LKTQE(MSE)GEYELQVVAAQETIVTPICQF
TAVRL
;
_entity_poly.pdbx_strand_id   A,B
#
# COMPACT_ATOMS: atom_id res chain seq x y z
N LYS A 5 -12.74 7.22 8.29
CA LYS A 5 -13.13 5.82 8.43
C LYS A 5 -11.93 4.91 8.25
N ASN A 6 -11.89 3.78 8.97
CA ASN A 6 -10.79 2.82 8.94
C ASN A 6 -11.24 1.43 8.59
N ILE A 7 -10.57 0.82 7.61
CA ILE A 7 -10.83 -0.56 7.16
C ILE A 7 -9.64 -1.44 7.48
N LEU A 8 -9.89 -2.56 8.16
CA LEU A 8 -8.89 -3.60 8.36
C LEU A 8 -9.11 -4.58 7.19
N SER A 9 -8.21 -4.58 6.20
CA SER A 9 -8.33 -5.39 5.01
C SER A 9 -7.37 -6.59 5.09
N ILE A 10 -7.93 -7.83 5.14
CA ILE A 10 -7.16 -9.04 5.35
C ILE A 10 -7.20 -9.84 4.07
N GLN A 11 -6.19 -9.60 3.21
CA GLN A 11 -6.13 -10.19 1.88
C GLN A 11 -4.70 -10.37 1.43
N SER A 12 -4.52 -11.04 0.26
CA SER A 12 -3.19 -11.29 -0.32
C SER A 12 -2.46 -10.02 -0.67
N HIS A 13 -1.12 -10.09 -0.67
CA HIS A 13 -0.26 -8.99 -1.11
C HIS A 13 0.71 -9.54 -2.14
N VAL A 14 0.82 -8.84 -3.28
CA VAL A 14 1.73 -9.19 -4.38
C VAL A 14 2.69 -8.01 -4.53
N VAL A 15 3.97 -8.29 -4.60
CA VAL A 15 4.98 -7.22 -4.67
C VAL A 15 4.89 -6.55 -6.05
N PHE A 16 4.91 -7.34 -7.14
CA PHE A 16 4.67 -6.76 -8.46
C PHE A 16 3.21 -6.93 -8.78
N GLY A 17 2.62 -5.89 -9.35
CA GLY A 17 1.23 -5.96 -9.78
C GLY A 17 0.16 -5.76 -8.74
N HIS A 18 -1.07 -6.17 -9.07
CA HIS A 18 -2.21 -5.89 -8.23
C HIS A 18 -3.23 -7.03 -8.16
N ALA A 19 -3.39 -7.53 -6.94
CA ALA A 19 -4.40 -8.50 -6.57
C ALA A 19 -4.62 -8.38 -5.06
N GLY A 20 -5.79 -8.78 -4.57
CA GLY A 20 -6.07 -8.71 -3.15
C GLY A 20 -5.89 -7.31 -2.60
N ASN A 21 -5.12 -7.22 -1.52
CA ASN A 21 -4.80 -5.95 -0.90
C ASN A 21 -4.06 -5.03 -1.87
N SER A 22 -3.23 -5.61 -2.72
CA SER A 22 -2.46 -4.81 -3.68
C SER A 22 -3.35 -4.18 -4.75
N ALA A 23 -4.60 -4.69 -4.94
CA ALA A 23 -5.55 -4.11 -5.89
C ALA A 23 -6.42 -3.08 -5.20
N ALA A 24 -6.86 -3.37 -3.98
CA ALA A 24 -7.80 -2.53 -3.25
C ALA A 24 -7.17 -1.42 -2.40
N GLU A 25 -6.02 -1.64 -1.74
CA GLU A 25 -5.50 -0.63 -0.77
C GLU A 25 -5.31 0.78 -1.37
N PHE A 26 -4.59 0.91 -2.50
CA PHE A 26 -4.36 2.27 -3.03
C PHE A 26 -5.71 2.94 -3.41
N PRO A 27 -6.62 2.30 -4.19
CA PRO A 27 -7.89 2.93 -4.53
C PRO A 27 -8.75 3.34 -3.33
N ARG A 29 -7.61 4.08 -0.23
CA ARG A 29 -6.93 5.25 0.38
C ARG A 29 -7.11 6.48 -0.51
N ARG A 30 -7.10 6.30 -1.84
CA ARG A 30 -7.31 7.41 -2.80
C ARG A 30 -8.69 8.07 -2.59
N GLY A 32 -10.03 8.53 0.32
CA GLY A 32 -10.00 9.18 1.63
C GLY A 32 -10.44 8.33 2.81
N VAL A 33 -10.24 7.02 2.73
CA VAL A 33 -10.56 6.09 3.84
C VAL A 33 -9.24 5.41 4.22
N ASN A 34 -8.97 5.21 5.53
CA ASN A 34 -7.76 4.51 5.92
C ASN A 34 -7.90 3.01 5.67
N VAL A 35 -6.77 2.39 5.32
CA VAL A 35 -6.68 0.95 5.10
C VAL A 35 -5.55 0.44 5.98
N TRP A 36 -5.84 -0.56 6.80
CA TRP A 36 -4.86 -1.27 7.63
C TRP A 36 -4.64 -2.55 6.88
N PRO A 37 -3.57 -2.65 6.07
CA PRO A 37 -3.42 -3.83 5.22
C PRO A 37 -2.76 -4.97 5.98
N LEU A 38 -3.57 -5.95 6.39
CA LEU A 38 -3.10 -7.17 7.04
C LEU A 38 -2.94 -8.20 5.94
N ASN A 39 -1.73 -8.27 5.39
CA ASN A 39 -1.42 -9.13 4.26
C ASN A 39 -1.33 -10.59 4.70
N THR A 40 -2.11 -11.45 4.03
CA THR A 40 -2.19 -12.90 4.31
C THR A 40 -1.02 -13.66 3.70
N VAL A 41 -0.40 -13.09 2.65
CA VAL A 41 0.76 -13.68 1.96
C VAL A 41 1.64 -12.53 1.50
N GLN A 42 2.88 -12.83 1.09
CA GLN A 42 3.71 -11.91 0.34
C GLN A 42 4.25 -12.69 -0.84
N PHE A 43 3.69 -12.46 -2.02
CA PHE A 43 4.09 -13.15 -3.24
C PHE A 43 4.76 -12.20 -4.25
N SER A 44 5.59 -12.73 -5.13
CA SER A 44 6.25 -11.90 -6.13
C SER A 44 5.26 -11.30 -7.11
N ASN A 45 4.20 -12.07 -7.41
CA ASN A 45 3.14 -11.72 -8.37
C ASN A 45 1.96 -12.64 -8.13
N HIS A 46 0.78 -12.33 -8.70
CA HIS A 46 -0.40 -13.18 -8.46
C HIS A 46 -0.21 -14.54 -9.15
N THR A 47 -0.97 -15.55 -8.69
CA THR A 47 -0.82 -16.94 -9.13
C THR A 47 -1.31 -17.20 -10.56
N GLN A 48 -2.03 -16.26 -11.19
CA GLN A 48 -2.56 -16.48 -12.56
C GLN A 48 -1.45 -16.33 -13.61
N TYR A 49 -0.24 -15.90 -13.20
CA TYR A 49 0.91 -15.94 -14.10
C TYR A 49 1.31 -17.42 -14.35
N GLY A 50 0.89 -18.30 -13.43
CA GLY A 50 1.15 -19.75 -13.48
C GLY A 50 2.32 -20.19 -12.63
N HIS A 51 3.03 -19.21 -12.05
CA HIS A 51 4.16 -19.41 -11.16
C HIS A 51 4.40 -18.13 -10.39
N TRP A 52 5.00 -18.27 -9.20
CA TRP A 52 5.32 -17.13 -8.31
C TRP A 52 6.31 -17.60 -7.26
N THR A 53 6.89 -16.68 -6.49
CA THR A 53 7.73 -16.95 -5.33
C THR A 53 7.13 -16.21 -4.14
N GLY A 54 7.64 -16.47 -2.95
CA GLY A 54 7.14 -15.81 -1.75
C GLY A 54 6.56 -16.84 -0.80
N CYS A 55 5.74 -16.39 0.14
CA CYS A 55 5.20 -17.27 1.16
C CYS A 55 3.85 -16.83 1.67
N VAL A 56 3.16 -17.77 2.32
CA VAL A 56 1.86 -17.58 2.98
C VAL A 56 2.16 -17.28 4.43
N PRO A 58 1.72 -17.52 8.39
CA PRO A 58 1.01 -18.48 9.28
C PRO A 58 -0.35 -17.92 9.68
N ALA A 59 -1.41 -18.75 9.74
CA ALA A 59 -2.76 -18.25 10.11
C ALA A 59 -2.76 -17.55 11.48
N SER A 60 -1.96 -18.05 12.44
CA SER A 60 -1.87 -17.43 13.79
C SER A 60 -1.25 -16.02 13.73
N HIS A 61 -0.48 -15.70 12.67
CA HIS A 61 0.10 -14.35 12.49
C HIS A 61 -1.03 -13.33 12.36
N LEU A 62 -2.13 -13.70 11.69
CA LEU A 62 -3.27 -12.78 11.52
C LEU A 62 -3.86 -12.37 12.87
N THR A 63 -4.12 -13.35 13.76
CA THR A 63 -4.69 -12.99 15.06
C THR A 63 -3.62 -12.31 15.96
N ASP A 64 -2.33 -12.62 15.77
CA ASP A 64 -1.24 -11.96 16.48
C ASP A 64 -1.24 -10.46 16.16
N ILE A 65 -1.37 -10.11 14.85
CA ILE A 65 -1.42 -8.71 14.43
C ILE A 65 -2.62 -7.97 15.08
N VAL A 66 -3.83 -8.56 15.02
CA VAL A 66 -5.04 -7.96 15.61
C VAL A 66 -4.83 -7.70 17.12
N GLN A 67 -4.21 -8.65 17.85
CA GLN A 67 -3.94 -8.43 19.29
C GLN A 67 -3.01 -7.21 19.51
N GLY A 68 -1.99 -7.07 18.68
CA GLY A 68 -1.06 -5.94 18.75
C GLY A 68 -1.76 -4.60 18.59
N ILE A 69 -2.73 -4.51 17.66
CA ILE A 69 -3.50 -3.28 17.45
C ILE A 69 -4.40 -3.04 18.69
N ALA A 70 -4.94 -4.13 19.27
CA ALA A 70 -5.74 -4.01 20.51
C ALA A 70 -4.83 -3.53 21.67
N ASP A 71 -3.54 -3.98 21.67
CA ASP A 71 -2.55 -3.62 22.72
C ASP A 71 -2.28 -2.12 22.71
N ILE A 72 -2.39 -1.43 21.54
CA ILE A 72 -2.19 0.03 21.48
C ILE A 72 -3.53 0.79 21.56
N ASP A 73 -4.63 0.10 21.94
N ASP A 73 -4.63 0.08 21.92
CA ASP A 73 -6.00 0.62 22.09
CA ASP A 73 -6.00 0.59 22.11
C ASP A 73 -6.48 1.32 20.81
C ASP A 73 -6.54 1.26 20.84
N ARG A 74 -6.19 0.71 19.66
CA ARG A 74 -6.61 1.26 18.38
C ARG A 74 -7.60 0.39 17.65
N LEU A 75 -7.82 -0.85 18.13
CA LEU A 75 -8.74 -1.76 17.44
C LEU A 75 -10.18 -1.19 17.42
N LYS A 76 -10.54 -0.38 18.44
CA LYS A 76 -11.85 0.28 18.52
C LYS A 76 -12.06 1.29 17.37
N ASP A 77 -10.96 1.77 16.73
CA ASP A 77 -11.10 2.71 15.61
C ASP A 77 -11.53 2.02 14.31
N CYS A 78 -11.48 0.69 14.28
CA CYS A 78 -11.82 -0.06 13.07
C CYS A 78 -13.33 0.01 12.78
N ASP A 79 -13.69 0.56 11.59
CA ASP A 79 -15.09 0.70 11.16
C ASP A 79 -15.56 -0.54 10.37
N ALA A 80 -14.62 -1.30 9.79
CA ALA A 80 -14.98 -2.48 9.01
C ALA A 80 -13.83 -3.43 8.80
N VAL A 81 -14.15 -4.70 8.64
CA VAL A 81 -13.19 -5.74 8.28
C VAL A 81 -13.56 -6.15 6.87
N LEU A 82 -12.56 -6.26 5.99
CA LEU A 82 -12.77 -6.67 4.61
C LEU A 82 -11.97 -7.93 4.29
N SER A 83 -12.62 -8.92 3.71
CA SER A 83 -11.93 -10.13 3.30
C SER A 83 -12.28 -10.50 1.87
N GLY A 84 -11.36 -11.19 1.20
CA GLY A 84 -11.54 -11.63 -0.16
C GLY A 84 -11.12 -13.07 -0.32
N TYR A 85 -10.15 -13.29 -1.20
CA TYR A 85 -9.64 -14.63 -1.41
C TYR A 85 -9.00 -15.15 -0.14
N ILE A 86 -9.34 -16.39 0.19
CA ILE A 86 -8.84 -17.11 1.38
C ILE A 86 -8.24 -18.43 0.90
N GLY A 87 -7.00 -18.71 1.33
CA GLY A 87 -6.22 -19.87 0.90
C GLY A 87 -6.53 -21.21 1.55
N SER A 88 -7.11 -21.18 2.76
CA SER A 88 -7.44 -22.39 3.51
C SER A 88 -8.56 -22.14 4.52
N PRO A 89 -9.30 -23.18 4.98
CA PRO A 89 -10.28 -22.93 6.06
C PRO A 89 -9.62 -22.40 7.34
N GLU A 90 -8.34 -22.76 7.62
CA GLU A 90 -7.60 -22.31 8.82
C GLU A 90 -7.39 -20.78 8.77
N GLN A 91 -6.91 -20.27 7.63
CA GLN A 91 -6.77 -18.83 7.42
C GLN A 91 -8.13 -18.17 7.60
N GLY A 92 -9.16 -18.79 7.02
CA GLY A 92 -10.53 -18.31 7.13
C GLY A 92 -11.00 -18.21 8.57
N SER A 93 -10.72 -19.23 9.40
CA SER A 93 -11.19 -19.20 10.80
C SER A 93 -10.49 -18.10 11.62
N HIS A 94 -9.22 -17.79 11.29
CA HIS A 94 -8.46 -16.71 11.93
C HIS A 94 -8.99 -15.35 11.48
N ILE A 95 -9.46 -15.23 10.22
CA ILE A 95 -10.07 -13.98 9.75
C ILE A 95 -11.35 -13.73 10.56
N LEU A 96 -12.18 -14.77 10.77
CA LEU A 96 -13.42 -14.60 11.53
C LEU A 96 -13.15 -14.31 13.00
N ALA A 97 -12.06 -14.84 13.56
CA ALA A 97 -11.66 -14.51 14.95
C ALA A 97 -11.29 -13.03 15.02
N ALA A 98 -10.58 -12.51 13.97
CA ALA A 98 -10.27 -11.08 13.86
C ALA A 98 -11.54 -10.26 13.82
N VAL A 99 -12.55 -10.68 13.04
CA VAL A 99 -13.84 -9.99 12.93
C VAL A 99 -14.51 -9.93 14.31
N ALA A 100 -14.54 -11.06 15.03
CA ALA A 100 -15.19 -11.14 16.35
C ALA A 100 -14.50 -10.21 17.36
N GLN A 101 -13.15 -10.12 17.31
CA GLN A 101 -12.37 -9.28 18.21
C GLN A 101 -12.59 -7.81 17.92
N VAL A 102 -12.67 -7.43 16.62
CA VAL A 102 -12.95 -6.05 16.19
C VAL A 102 -14.36 -5.65 16.68
N LYS A 103 -15.36 -6.54 16.46
CA LYS A 103 -16.74 -6.24 16.84
C LYS A 103 -16.87 -6.07 18.36
N GLN A 104 -16.00 -6.71 19.14
CA GLN A 104 -16.00 -6.52 20.60
C GLN A 104 -15.44 -5.12 20.94
N ALA A 105 -14.39 -4.67 20.21
CA ALA A 105 -13.77 -3.36 20.39
C ALA A 105 -14.67 -2.23 19.85
N ASN A 106 -15.42 -2.51 18.79
CA ASN A 106 -16.33 -1.56 18.18
C ASN A 106 -17.59 -2.31 17.74
N PRO A 107 -18.69 -2.23 18.54
CA PRO A 107 -19.93 -2.92 18.14
C PRO A 107 -20.56 -2.44 16.85
N ASP A 108 -20.19 -1.25 16.35
CA ASP A 108 -20.76 -0.70 15.11
C ASP A 108 -19.97 -1.13 13.87
N ALA A 109 -18.89 -1.91 14.04
CA ALA A 109 -18.06 -2.35 12.91
C ALA A 109 -18.78 -3.35 12.02
N TRP A 110 -18.49 -3.29 10.70
CA TRP A 110 -19.09 -4.19 9.71
C TRP A 110 -18.11 -5.22 9.22
N TYR A 111 -18.62 -6.37 8.80
CA TYR A 111 -17.76 -7.35 8.14
C TYR A 111 -18.20 -7.47 6.70
N PHE A 112 -17.33 -7.06 5.75
CA PHE A 112 -17.63 -7.17 4.32
C PHE A 112 -16.86 -8.39 3.79
N CYS A 113 -17.60 -9.42 3.34
CA CYS A 113 -17.04 -10.68 2.86
C CYS A 113 -17.25 -10.82 1.36
N ASP A 114 -16.16 -10.84 0.61
CA ASP A 114 -16.23 -11.20 -0.82
C ASP A 114 -15.98 -12.71 -0.81
N PRO A 115 -17.00 -13.57 -1.08
CA PRO A 115 -16.79 -15.02 -0.87
C PRO A 115 -16.16 -15.69 -2.09
N VAL A 116 -14.90 -15.35 -2.37
CA VAL A 116 -14.29 -15.83 -3.61
C VAL A 116 -14.10 -17.35 -3.69
N GLY A 118 -14.36 -18.75 -7.36
CA GLY A 118 -13.98 -18.89 -8.76
C GLY A 118 -14.71 -17.91 -9.65
N HIS A 119 -14.55 -18.07 -10.97
CA HIS A 119 -15.22 -17.20 -11.96
C HIS A 119 -16.42 -17.95 -12.58
N PRO A 120 -17.57 -17.28 -12.86
CA PRO A 120 -18.73 -18.01 -13.43
C PRO A 120 -18.47 -18.71 -14.79
N GLU A 121 -17.43 -18.29 -15.52
CA GLU A 121 -17.07 -18.89 -16.82
C GLU A 121 -15.92 -19.90 -16.70
N LYS A 122 -14.85 -19.58 -15.92
CA LYS A 122 -13.68 -20.43 -15.73
C LYS A 122 -13.84 -21.50 -14.62
N GLY A 123 -14.88 -21.39 -13.81
CA GLY A 123 -15.16 -22.35 -12.75
C GLY A 123 -14.49 -22.11 -11.41
N CYS A 124 -14.80 -23.00 -10.45
N CYS A 124 -14.73 -23.04 -10.49
CA CYS A 124 -14.22 -22.89 -9.11
CA CYS A 124 -14.21 -23.00 -9.12
C CYS A 124 -12.69 -22.96 -9.16
C CYS A 124 -12.69 -23.10 -9.08
N ILE A 125 -12.06 -22.44 -8.11
CA ILE A 125 -10.57 -22.44 -8.01
C ILE A 125 -10.07 -22.69 -6.55
N VAL A 126 -10.99 -22.85 -5.59
CA VAL A 126 -10.66 -23.05 -4.18
C VAL A 126 -10.91 -24.50 -3.76
N ALA A 127 -10.33 -24.92 -2.61
CA ALA A 127 -10.56 -26.26 -2.04
C ALA A 127 -12.03 -26.37 -1.50
N PRO A 128 -12.66 -27.58 -1.40
CA PRO A 128 -14.07 -27.64 -0.93
C PRO A 128 -14.25 -27.20 0.52
N GLY A 129 -13.14 -27.26 1.28
CA GLY A 129 -13.09 -26.80 2.65
C GLY A 129 -13.38 -25.31 2.70
N VAL A 130 -12.83 -24.56 1.72
CA VAL A 130 -13.01 -23.11 1.62
C VAL A 130 -14.50 -22.78 1.27
N ALA A 131 -15.11 -23.54 0.32
CA ALA A 131 -16.52 -23.29 -0.02
C ALA A 131 -17.41 -23.55 1.21
N GLU A 132 -17.14 -24.64 1.94
CA GLU A 132 -17.87 -25.00 3.18
C GLU A 132 -17.67 -23.91 4.26
N PHE A 133 -16.43 -23.39 4.37
CA PHE A 133 -16.09 -22.30 5.30
C PHE A 133 -16.99 -21.08 4.99
N PHE A 134 -17.11 -20.67 3.70
CA PHE A 134 -17.95 -19.52 3.36
C PHE A 134 -19.42 -19.75 3.69
N CYS A 135 -19.94 -20.96 3.42
CA CYS A 135 -21.35 -21.25 3.66
C CYS A 135 -21.67 -21.32 5.15
N ASN A 136 -20.96 -22.20 5.85
CA ASN A 136 -21.13 -22.42 7.29
C ASN A 136 -20.68 -21.33 8.26
N GLU A 137 -19.47 -20.79 8.04
CA GLU A 137 -18.88 -19.81 8.95
C GLU A 137 -18.87 -18.32 8.56
N ALA A 138 -18.42 -18.01 7.35
CA ALA A 138 -18.30 -16.63 6.87
C ALA A 138 -19.63 -15.92 6.67
N LEU A 139 -20.59 -16.64 6.10
CA LEU A 139 -21.93 -16.09 5.82
C LEU A 139 -22.67 -15.67 7.10
N PRO A 140 -22.78 -16.53 8.16
CA PRO A 140 -23.46 -16.07 9.39
C PRO A 140 -22.79 -14.88 10.08
N ALA A 141 -21.47 -14.69 9.91
CA ALA A 141 -20.73 -13.58 10.55
C ALA A 141 -20.70 -12.30 9.70
N SER A 142 -21.14 -12.38 8.42
CA SER A 142 -21.06 -11.23 7.51
C SER A 142 -22.20 -10.23 7.65
N ASP A 143 -21.91 -8.96 7.31
CA ASP A 143 -22.91 -7.86 7.25
C ASP A 143 -23.18 -7.53 5.82
N ILE A 145 -22.06 -9.17 1.68
CA ILE A 145 -21.36 -10.15 0.87
C ILE A 145 -21.43 -9.77 -0.62
N ALA A 146 -20.44 -10.16 -1.41
CA ALA A 146 -20.42 -9.78 -2.81
C ALA A 146 -20.16 -10.94 -3.75
N PRO A 147 -21.03 -11.94 -3.72
CA PRO A 147 -20.89 -13.12 -4.58
C PRO A 147 -21.15 -12.86 -6.05
N ASN A 148 -20.38 -13.50 -6.92
CA ASN A 148 -20.66 -13.53 -8.34
C ASN A 148 -21.71 -14.63 -8.54
N LEU A 149 -22.24 -14.79 -9.75
CA LEU A 149 -23.30 -15.80 -9.93
C LEU A 149 -22.90 -17.19 -9.39
N LEU A 150 -21.69 -17.67 -9.69
CA LEU A 150 -21.20 -18.98 -9.23
C LEU A 150 -21.27 -19.09 -7.70
N GLU A 151 -20.75 -18.06 -7.01
CA GLU A 151 -20.73 -18.00 -5.56
C GLU A 151 -22.14 -17.90 -4.99
N LEU A 152 -23.05 -17.13 -5.61
CA LEU A 152 -24.44 -16.98 -5.15
C LEU A 152 -25.16 -18.36 -5.20
N GLU A 153 -24.89 -19.14 -6.24
CA GLU A 153 -25.46 -20.48 -6.40
C GLU A 153 -24.84 -21.46 -5.38
N GLN A 154 -23.52 -21.35 -5.11
CA GLN A 154 -22.82 -22.21 -4.15
C GLN A 154 -23.31 -21.99 -2.72
N LEU A 155 -23.52 -20.71 -2.31
CA LEU A 155 -23.97 -20.37 -0.96
C LEU A 155 -25.43 -20.78 -0.71
N SER A 156 -26.28 -20.70 -1.74
CA SER A 156 -27.71 -20.99 -1.59
C SER A 156 -28.05 -22.44 -1.96
N GLY A 157 -27.21 -23.08 -2.75
CA GLY A 157 -27.40 -24.44 -3.25
C GLY A 157 -28.47 -24.51 -4.34
N GLU A 158 -28.83 -23.35 -4.93
CA GLU A 158 -29.87 -23.22 -5.96
C GLU A 158 -29.32 -22.68 -7.26
N ARG A 159 -29.96 -23.05 -8.40
CA ARG A 159 -29.58 -22.52 -9.70
C ARG A 159 -30.28 -21.19 -9.89
N VAL A 160 -29.53 -20.17 -10.34
CA VAL A 160 -30.07 -18.83 -10.54
C VAL A 160 -30.00 -18.51 -12.03
N GLU A 161 -31.18 -18.41 -12.66
CA GLU A 161 -31.33 -18.22 -14.09
C GLU A 161 -31.60 -16.78 -14.49
N ASN A 162 -32.14 -15.96 -13.59
CA ASN A 162 -32.46 -14.58 -13.94
C ASN A 162 -32.35 -13.63 -12.73
N VAL A 163 -32.44 -12.31 -13.00
CA VAL A 163 -32.35 -11.23 -12.01
C VAL A 163 -33.45 -11.38 -10.94
N GLU A 164 -34.70 -11.71 -11.34
CA GLU A 164 -35.81 -11.90 -10.40
C GLU A 164 -35.45 -12.97 -9.37
N GLN A 165 -34.93 -14.11 -9.84
CA GLN A 165 -34.48 -15.23 -9.01
C GLN A 165 -33.28 -14.80 -8.15
N ALA A 166 -32.32 -14.05 -8.76
CA ALA A 166 -31.14 -13.53 -8.07
C ALA A 166 -31.52 -12.68 -6.87
N VAL A 167 -32.55 -11.80 -7.00
CA VAL A 167 -33.04 -10.94 -5.91
C VAL A 167 -33.58 -11.82 -4.76
N GLN A 168 -34.39 -12.86 -5.09
CA GLN A 168 -34.99 -13.76 -4.08
C GLN A 168 -33.92 -14.59 -3.38
N VAL A 169 -32.99 -15.16 -4.15
CA VAL A 169 -31.90 -15.98 -3.60
C VAL A 169 -30.99 -15.08 -2.71
N ALA A 170 -30.69 -13.83 -3.17
CA ALA A 170 -29.88 -12.88 -2.38
C ALA A 170 -30.52 -12.63 -1.01
N ARG A 171 -31.86 -12.39 -0.98
CA ARG A 171 -32.58 -12.15 0.29
C ARG A 171 -32.60 -13.41 1.15
N SER A 172 -32.61 -14.62 0.54
CA SER A 172 -32.54 -15.86 1.32
C SER A 172 -31.17 -15.97 2.04
N LEU A 173 -30.07 -15.46 1.42
CA LEU A 173 -28.73 -15.46 2.04
C LEU A 173 -28.68 -14.44 3.20
N CYS A 174 -29.44 -13.36 3.09
CA CYS A 174 -29.50 -12.34 4.14
C CYS A 174 -30.12 -12.85 5.44
N ALA A 175 -31.11 -13.79 5.35
CA ALA A 175 -31.72 -14.37 6.55
C ALA A 175 -30.66 -15.18 7.30
N ARG A 176 -29.61 -15.53 6.58
CA ARG A 176 -28.52 -16.27 7.12
C ARG A 176 -27.39 -15.38 7.68
N GLY A 177 -27.53 -14.07 7.55
CA GLY A 177 -26.55 -13.16 8.12
C GLY A 177 -26.42 -11.72 7.63
N PRO A 178 -26.00 -11.53 6.40
CA PRO A 178 -25.74 -10.19 5.87
C PRO A 178 -26.97 -9.35 5.62
N LYS A 179 -26.85 -8.04 5.60
CA LYS A 179 -28.00 -7.13 5.35
C LYS A 179 -27.92 -6.56 3.93
N VAL A 180 -26.74 -6.69 3.30
CA VAL A 180 -26.49 -6.19 1.95
C VAL A 180 -25.83 -7.30 1.11
N VAL A 181 -26.37 -7.54 -0.10
CA VAL A 181 -25.79 -8.50 -1.02
C VAL A 181 -25.51 -7.79 -2.32
N LEU A 182 -24.25 -7.87 -2.77
CA LEU A 182 -23.88 -7.37 -4.09
C LEU A 182 -23.66 -8.57 -4.97
N VAL A 183 -24.49 -8.76 -6.01
CA VAL A 183 -24.20 -9.84 -6.98
C VAL A 183 -23.25 -9.14 -7.95
N LYS A 184 -21.96 -9.32 -7.70
CA LYS A 184 -20.89 -8.60 -8.41
C LYS A 184 -20.72 -8.92 -9.90
N HIS A 185 -21.08 -10.13 -10.28
CA HIS A 185 -21.08 -10.54 -11.68
C HIS A 185 -22.32 -11.40 -11.93
N LEU A 186 -23.30 -10.87 -12.65
CA LEU A 186 -24.53 -11.62 -12.95
C LEU A 186 -24.34 -12.81 -13.90
N SER A 187 -23.39 -12.68 -14.82
CA SER A 187 -23.06 -13.68 -15.82
C SER A 187 -24.30 -14.01 -16.68
N ARG A 188 -24.63 -15.30 -16.88
CA ARG A 188 -25.80 -15.74 -17.67
C ARG A 188 -27.15 -15.36 -17.02
N ALA A 189 -27.17 -15.00 -15.72
CA ALA A 189 -28.41 -14.60 -15.06
C ALA A 189 -28.81 -13.14 -15.35
N GLY A 190 -27.95 -12.41 -16.06
CA GLY A 190 -28.21 -11.02 -16.44
C GLY A 190 -29.25 -10.92 -17.54
N TYR A 191 -29.76 -9.70 -17.79
CA TYR A 191 -30.78 -9.47 -18.83
C TYR A 191 -30.23 -9.50 -20.25
N HIS A 192 -28.94 -9.15 -20.43
CA HIS A 192 -28.33 -8.97 -21.75
C HIS A 192 -26.96 -9.62 -21.82
N ALA A 193 -26.78 -10.60 -22.71
CA ALA A 193 -25.48 -11.29 -22.84
C ALA A 193 -24.33 -10.32 -23.20
N ASP A 194 -24.63 -9.21 -23.91
N ASP A 194 -24.65 -9.22 -23.89
CA ASP A 194 -23.67 -8.20 -24.37
CA ASP A 194 -23.72 -8.19 -24.37
C ASP A 194 -23.33 -7.15 -23.28
C ASP A 194 -23.33 -7.16 -23.28
N CYS A 195 -23.94 -7.24 -22.07
CA CYS A 195 -23.67 -6.30 -20.96
C CYS A 195 -23.04 -6.96 -19.75
N PHE A 196 -22.14 -6.23 -19.07
CA PHE A 196 -21.63 -6.64 -17.76
C PHE A 196 -22.64 -6.10 -16.78
N GLU A 197 -23.15 -6.94 -15.89
CA GLU A 197 -24.23 -6.51 -15.01
C GLU A 197 -24.00 -6.87 -13.55
N LEU A 199 -25.96 -6.43 -9.36
CA LEU A 199 -27.20 -6.25 -8.62
C LEU A 199 -26.90 -5.95 -7.17
N LEU A 200 -27.52 -4.89 -6.60
CA LEU A 200 -27.32 -4.54 -5.19
C LEU A 200 -28.62 -4.79 -4.47
N VAL A 201 -28.62 -5.67 -3.47
CA VAL A 201 -29.86 -6.06 -2.80
C VAL A 201 -29.84 -5.77 -1.28
N THR A 202 -30.94 -5.16 -0.80
CA THR A 202 -31.24 -4.95 0.63
C THR A 202 -32.63 -5.59 0.92
N ALA A 203 -33.11 -5.53 2.19
CA ALA A 203 -34.41 -6.07 2.56
C ALA A 203 -35.55 -5.36 1.82
N ASP A 204 -35.47 -4.02 1.68
CA ASP A 204 -36.52 -3.18 1.08
C ASP A 204 -36.32 -2.90 -0.42
N ASP A 205 -35.08 -2.89 -0.93
CA ASP A 205 -34.88 -2.55 -2.33
C ASP A 205 -33.83 -3.39 -3.04
N ALA A 206 -33.81 -3.27 -4.38
CA ALA A 206 -32.85 -3.90 -5.28
C ALA A 206 -32.58 -2.98 -6.47
N TRP A 207 -31.29 -2.81 -6.80
CA TRP A 207 -30.83 -1.98 -7.91
C TRP A 207 -30.05 -2.80 -8.91
N HIS A 208 -30.32 -2.60 -10.21
CA HIS A 208 -29.63 -3.30 -11.30
C HIS A 208 -28.82 -2.29 -12.12
N ILE A 209 -27.64 -2.71 -12.65
CA ILE A 209 -26.82 -1.79 -13.42
C ILE A 209 -26.08 -2.55 -14.51
N CYS A 210 -25.79 -1.86 -15.64
CA CYS A 210 -25.09 -2.41 -16.78
C CYS A 210 -23.94 -1.53 -17.17
N ARG A 211 -22.95 -2.13 -17.81
CA ARG A 211 -21.83 -1.39 -18.38
C ARG A 211 -21.27 -2.24 -19.51
N PRO A 212 -20.57 -1.65 -20.50
CA PRO A 212 -20.03 -2.47 -21.57
C PRO A 212 -19.00 -3.50 -21.09
N LEU A 213 -18.90 -4.61 -21.83
CA LEU A 213 -17.93 -5.67 -21.62
C LEU A 213 -16.59 -5.18 -22.12
N VAL A 214 -15.51 -5.51 -21.41
CA VAL A 214 -14.16 -5.12 -21.84
C VAL A 214 -13.44 -6.40 -22.25
N ASP A 215 -13.03 -6.49 -23.52
CA ASP A 215 -12.36 -7.67 -24.03
C ASP A 215 -10.85 -7.59 -23.83
N PHE A 216 -10.31 -8.49 -22.99
CA PHE A 216 -8.87 -8.57 -22.70
C PHE A 216 -8.22 -9.81 -23.34
N GLY A 217 -9.01 -10.57 -24.11
CA GLY A 217 -8.56 -11.76 -24.82
C GLY A 217 -8.45 -12.99 -23.94
N LYS A 218 -7.31 -13.70 -24.05
CA LYS A 218 -7.02 -14.92 -23.30
C LYS A 218 -6.64 -14.64 -21.83
N ARG A 219 -5.95 -13.51 -21.57
CA ARG A 219 -5.45 -13.14 -20.25
C ARG A 219 -6.34 -12.10 -19.54
N GLN A 220 -7.31 -12.57 -18.75
CA GLN A 220 -8.22 -11.69 -18.01
C GLN A 220 -7.47 -11.09 -16.79
N PRO A 221 -7.40 -9.73 -16.67
CA PRO A 221 -6.71 -9.12 -15.51
C PRO A 221 -7.34 -9.50 -14.18
N VAL A 222 -6.49 -9.80 -13.20
CA VAL A 222 -6.91 -10.21 -11.84
C VAL A 222 -7.26 -8.97 -11.00
N GLY A 223 -8.15 -9.12 -10.03
CA GLY A 223 -8.46 -8.07 -9.08
C GLY A 223 -9.70 -7.24 -9.31
N VAL A 224 -10.48 -7.51 -10.39
CA VAL A 224 -11.71 -6.73 -10.68
C VAL A 224 -12.69 -6.88 -9.52
N GLY A 225 -12.90 -8.11 -9.05
CA GLY A 225 -13.75 -8.41 -7.91
C GLY A 225 -13.21 -7.79 -6.62
N ASP A 226 -11.88 -7.80 -6.46
CA ASP A 226 -11.26 -7.21 -5.26
C ASP A 226 -11.50 -5.70 -5.24
N LEU A 227 -11.34 -5.05 -6.41
CA LEU A 227 -11.55 -3.61 -6.53
C LEU A 227 -13.04 -3.26 -6.33
N THR A 228 -13.95 -4.05 -6.93
CA THR A 228 -15.40 -3.83 -6.81
C THR A 228 -15.82 -3.88 -5.34
N SER A 229 -15.43 -4.94 -4.64
CA SER A 229 -15.75 -5.16 -3.23
C SER A 229 -15.21 -4.03 -2.35
N GLY A 230 -13.94 -3.66 -2.56
CA GLY A 230 -13.28 -2.60 -1.80
C GLY A 230 -13.95 -1.23 -1.97
N LEU A 231 -14.19 -0.84 -3.24
CA LEU A 231 -14.83 0.44 -3.53
C LEU A 231 -16.28 0.48 -3.04
N LEU A 232 -17.00 -0.66 -3.02
CA LEU A 232 -18.38 -0.64 -2.47
C LEU A 232 -18.36 -0.39 -0.97
N LEU A 233 -17.45 -1.05 -0.23
CA LEU A 233 -17.35 -0.86 1.22
C LEU A 233 -17.04 0.61 1.53
N VAL A 234 -16.13 1.24 0.76
CA VAL A 234 -15.76 2.65 0.94
C VAL A 234 -17.01 3.55 0.77
N ASN A 235 -17.78 3.36 -0.32
CA ASN A 235 -19.00 4.14 -0.59
C ASN A 235 -20.03 4.00 0.52
N LEU A 236 -20.24 2.77 1.01
CA LEU A 236 -21.19 2.53 2.10
C LEU A 236 -20.69 3.15 3.40
N LEU A 237 -19.38 3.00 3.73
CA LEU A 237 -18.81 3.62 4.94
C LEU A 237 -18.94 5.16 4.92
N LYS A 238 -18.81 5.77 3.73
CA LYS A 238 -18.90 7.24 3.58
C LYS A 238 -20.36 7.73 3.56
N GLY A 239 -21.32 6.81 3.68
CA GLY A 239 -22.75 7.10 3.75
C GLY A 239 -23.43 7.45 2.45
N GLU A 240 -22.93 6.92 1.33
CA GLU A 240 -23.53 7.15 0.02
C GLU A 240 -24.84 6.41 -0.12
N PRO A 241 -25.88 7.00 -0.76
CA PRO A 241 -27.11 6.21 -1.00
C PRO A 241 -26.74 4.97 -1.83
N LEU A 242 -27.42 3.84 -1.60
CA LEU A 242 -27.14 2.56 -2.26
C LEU A 242 -27.08 2.67 -3.79
N ASP A 243 -28.01 3.43 -4.45
CA ASP A 243 -27.98 3.59 -5.91
C ASP A 243 -26.72 4.36 -6.35
N LYS A 244 -26.37 5.45 -5.63
CA LYS A 244 -25.17 6.26 -5.91
C LYS A 244 -23.90 5.45 -5.68
N ALA A 245 -23.90 4.60 -4.64
CA ALA A 245 -22.77 3.72 -4.29
C ALA A 245 -22.54 2.73 -5.45
N LEU A 246 -23.62 2.08 -5.90
CA LEU A 246 -23.53 1.15 -7.04
C LEU A 246 -23.02 1.86 -8.32
N GLU A 247 -23.56 3.07 -8.62
CA GLU A 247 -23.17 3.84 -9.82
C GLU A 247 -21.71 4.22 -9.81
N HIS A 248 -21.20 4.69 -8.66
CA HIS A 248 -19.79 5.06 -8.55
C HIS A 248 -18.90 3.84 -8.73
N VAL A 249 -19.18 2.75 -7.97
CA VAL A 249 -18.38 1.52 -8.08
C VAL A 249 -18.33 1.04 -9.54
N THR A 250 -19.50 0.92 -10.19
CA THR A 250 -19.59 0.43 -11.59
C THR A 250 -18.71 1.28 -12.49
N ALA A 251 -18.81 2.62 -12.40
CA ALA A 251 -18.05 3.53 -13.26
C ALA A 251 -16.54 3.56 -12.91
N ALA A 252 -16.18 3.62 -11.62
CA ALA A 252 -14.75 3.66 -11.22
C ALA A 252 -14.03 2.38 -11.65
N VAL A 253 -14.67 1.20 -11.47
CA VAL A 253 -14.04 -0.08 -11.88
C VAL A 253 -13.86 -0.11 -13.42
N TYR A 254 -14.90 0.29 -14.14
CA TYR A 254 -14.85 0.37 -15.62
C TYR A 254 -13.71 1.25 -16.11
N GLU A 255 -13.51 2.41 -15.45
CA GLU A 255 -12.43 3.36 -15.81
C GLU A 255 -11.05 2.73 -15.64
N VAL A 256 -10.86 1.94 -14.57
CA VAL A 256 -9.61 1.23 -14.31
C VAL A 256 -9.40 0.20 -15.41
N LEU A 258 -10.70 0.26 -18.50
CA LEU A 258 -10.42 1.01 -19.74
C LEU A 258 -8.97 1.43 -19.80
N LYS A 259 -8.43 1.99 -18.69
CA LYS A 259 -7.03 2.43 -18.66
C LYS A 259 -6.11 1.23 -18.86
N THR A 260 -6.43 0.09 -18.25
CA THR A 260 -5.64 -1.13 -18.37
C THR A 260 -5.58 -1.58 -19.86
N GLN A 261 -6.74 -1.59 -20.53
CA GLN A 261 -6.88 -2.01 -21.92
C GLN A 261 -6.12 -1.07 -22.89
N GLU A 262 -6.25 0.27 -22.71
CA GLU A 262 -5.60 1.23 -23.58
C GLU A 262 -4.07 1.18 -23.43
N GLY A 264 -2.47 -1.65 -22.90
CA GLY A 264 -2.12 -3.03 -23.29
C GLY A 264 -1.52 -3.82 -22.14
N GLU A 265 -1.99 -3.55 -20.90
CA GLU A 265 -1.44 -4.21 -19.72
C GLU A 265 -2.27 -5.38 -19.24
N TYR A 266 -1.61 -6.34 -18.59
CA TYR A 266 -2.25 -7.50 -17.98
C TYR A 266 -2.66 -7.13 -16.53
N GLU A 267 -1.85 -6.29 -15.86
CA GLU A 267 -2.12 -5.85 -14.49
C GLU A 267 -3.13 -4.71 -14.46
N LEU A 268 -4.14 -4.77 -13.54
CA LEU A 268 -5.12 -3.69 -13.36
C LEU A 268 -4.39 -2.40 -13.02
N GLN A 269 -4.59 -1.37 -13.83
CA GLN A 269 -3.83 -0.13 -13.73
C GLN A 269 -4.45 0.82 -12.72
N VAL A 270 -4.44 0.41 -11.44
CA VAL A 270 -5.06 1.17 -10.36
C VAL A 270 -4.38 2.54 -10.09
N VAL A 271 -3.06 2.68 -10.38
CA VAL A 271 -2.35 3.93 -10.14
C VAL A 271 -2.53 4.90 -11.33
N ALA A 272 -2.34 4.42 -12.57
CA ALA A 272 -2.52 5.24 -13.78
C ALA A 272 -3.94 5.82 -13.88
N ALA A 273 -4.96 5.08 -13.37
CA ALA A 273 -6.38 5.45 -13.43
C ALA A 273 -6.88 6.15 -12.14
N GLN A 274 -5.99 6.57 -11.25
CA GLN A 274 -6.38 7.12 -9.93
C GLN A 274 -7.34 8.32 -10.00
N GLU A 275 -7.16 9.22 -10.99
CA GLU A 275 -8.04 10.40 -11.13
C GLU A 275 -9.50 9.99 -11.42
N THR A 276 -9.68 8.94 -12.23
CA THR A 276 -11.01 8.46 -12.61
C THR A 276 -11.62 7.51 -11.56
N ILE A 277 -10.85 7.12 -10.51
CA ILE A 277 -11.39 6.31 -9.40
C ILE A 277 -12.24 7.25 -8.55
N VAL A 278 -11.70 8.42 -8.20
CA VAL A 278 -12.44 9.36 -7.37
C VAL A 278 -13.56 10.02 -8.19
N THR A 279 -13.26 10.46 -9.43
CA THR A 279 -14.24 11.15 -10.27
C THR A 279 -14.35 10.49 -11.63
N PRO A 280 -15.13 9.39 -11.77
CA PRO A 280 -15.26 8.75 -13.08
C PRO A 280 -15.85 9.69 -14.15
N ILE A 281 -15.35 9.60 -15.39
CA ILE A 281 -15.84 10.36 -16.55
C ILE A 281 -17.10 9.62 -17.06
N CYS A 282 -17.02 8.27 -17.15
CA CYS A 282 -18.14 7.42 -17.53
C CYS A 282 -19.22 7.50 -16.47
N GLN A 283 -20.48 7.50 -16.90
CA GLN A 283 -21.63 7.54 -16.02
C GLN A 283 -22.54 6.39 -16.39
N PHE A 284 -22.91 5.57 -15.39
CA PHE A 284 -23.80 4.44 -15.59
C PHE A 284 -24.92 4.59 -14.63
N THR A 285 -26.17 4.37 -15.08
CA THR A 285 -27.33 4.59 -14.23
C THR A 285 -27.94 3.28 -13.75
N ALA A 286 -28.13 3.18 -12.44
CA ALA A 286 -28.75 2.05 -11.77
C ALA A 286 -30.27 2.16 -11.86
N VAL A 287 -30.96 1.03 -11.98
CA VAL A 287 -32.42 1.05 -12.05
C VAL A 287 -32.99 0.26 -10.85
N ARG A 288 -33.89 0.90 -10.08
CA ARG A 288 -34.55 0.31 -8.92
C ARG A 288 -35.64 -0.67 -9.41
N LEU A 289 -35.56 -1.93 -8.98
CA LEU A 289 -36.50 -2.97 -9.41
C LEU A 289 -37.78 -3.01 -8.57
N LYS B 5 7.00 5.17 -14.20
CA LYS B 5 8.26 4.84 -13.51
C LYS B 5 7.90 3.82 -12.41
N ASN B 6 8.83 2.90 -12.09
CA ASN B 6 8.58 1.81 -11.13
C ASN B 6 9.68 1.72 -10.07
N ILE B 7 9.27 1.78 -8.80
CA ILE B 7 10.20 1.70 -7.65
C ILE B 7 9.99 0.39 -6.90
N LEU B 8 11.07 -0.37 -6.66
CA LEU B 8 11.06 -1.53 -5.77
C LEU B 8 11.45 -0.98 -4.41
N SER B 9 10.48 -0.87 -3.51
CA SER B 9 10.77 -0.28 -2.20
C SER B 9 10.83 -1.41 -1.17
N ILE B 10 12.01 -1.63 -0.53
CA ILE B 10 12.28 -2.75 0.40
C ILE B 10 12.42 -2.21 1.81
N GLN B 11 11.30 -2.14 2.52
CA GLN B 11 11.24 -1.50 3.84
C GLN B 11 10.19 -2.18 4.70
N SER B 12 10.10 -1.76 5.97
CA SER B 12 9.16 -2.35 6.93
C SER B 12 7.71 -2.07 6.56
N HIS B 13 6.78 -2.92 7.04
CA HIS B 13 5.35 -2.71 6.83
C HIS B 13 4.66 -2.79 8.19
N VAL B 14 3.84 -1.80 8.50
CA VAL B 14 3.08 -1.79 9.74
C VAL B 14 1.60 -1.83 9.34
N VAL B 15 0.79 -2.71 9.96
CA VAL B 15 -0.63 -2.90 9.61
C VAL B 15 -1.42 -1.66 10.06
N PHE B 16 -1.26 -1.22 11.31
CA PHE B 16 -1.87 0.03 11.75
C PHE B 16 -0.82 1.11 11.61
N GLY B 17 -1.20 2.29 11.13
CA GLY B 17 -0.27 3.40 11.10
C GLY B 17 0.72 3.43 9.96
N HIS B 18 1.74 4.29 10.10
CA HIS B 18 2.63 4.60 9.01
C HIS B 18 4.10 4.67 9.41
N ALA B 19 4.91 3.87 8.73
CA ALA B 19 6.37 3.79 8.90
C ALA B 19 6.94 2.94 7.76
N GLY B 20 8.15 3.25 7.32
CA GLY B 20 8.79 2.51 6.22
C GLY B 20 7.92 2.52 4.98
N ASN B 21 7.68 1.33 4.39
CA ASN B 21 6.82 1.21 3.22
C ASN B 21 5.42 1.70 3.51
N SER B 22 4.93 1.55 4.74
CA SER B 22 3.57 2.03 5.10
C SER B 22 3.49 3.58 5.13
N ALA B 23 4.64 4.26 5.24
CA ALA B 23 4.66 5.73 5.20
C ALA B 23 4.89 6.22 3.77
N ALA B 24 5.74 5.54 2.99
CA ALA B 24 6.13 6.00 1.66
C ALA B 24 5.27 5.49 0.50
N GLU B 25 4.73 4.25 0.57
CA GLU B 25 4.01 3.67 -0.59
C GLU B 25 2.84 4.53 -1.08
N PHE B 26 1.89 4.90 -0.21
CA PHE B 26 0.71 5.62 -0.69
C PHE B 26 1.13 7.04 -1.23
N PRO B 27 1.95 7.86 -0.54
CA PRO B 27 2.39 9.15 -1.14
C PRO B 27 3.10 8.99 -2.48
N ARG B 29 2.74 6.53 -4.78
CA ARG B 29 1.73 6.15 -5.78
C ARG B 29 0.80 7.34 -6.08
N ARG B 30 0.48 8.14 -5.05
CA ARG B 30 -0.34 9.37 -5.19
C ARG B 30 0.31 10.39 -6.17
N GLY B 32 1.91 9.49 -8.81
CA GLY B 32 1.86 8.85 -10.13
C GLY B 32 3.01 7.94 -10.50
N VAL B 33 3.73 7.39 -9.51
CA VAL B 33 4.83 6.46 -9.75
C VAL B 33 4.44 5.11 -9.15
N ASN B 34 4.76 3.99 -9.81
CA ASN B 34 4.45 2.68 -9.26
C ASN B 34 5.40 2.32 -8.15
N VAL B 35 4.86 1.62 -7.13
CA VAL B 35 5.61 1.11 -5.98
C VAL B 35 5.38 -0.39 -5.91
N TRP B 36 6.48 -1.16 -5.96
CA TRP B 36 6.48 -2.61 -5.74
C TRP B 36 6.87 -2.76 -4.28
N PRO B 37 5.92 -2.89 -3.33
CA PRO B 37 6.33 -2.86 -1.92
C PRO B 37 6.76 -4.23 -1.43
N LEU B 38 8.09 -4.41 -1.31
CA LEU B 38 8.71 -5.64 -0.80
C LEU B 38 8.92 -5.43 0.69
N ASN B 39 7.97 -5.92 1.50
CA ASN B 39 7.96 -5.65 2.93
C ASN B 39 8.92 -6.57 3.65
N THR B 40 9.80 -5.97 4.46
CA THR B 40 10.85 -6.71 5.19
C THR B 40 10.31 -7.34 6.45
N VAL B 41 9.22 -6.77 6.98
CA VAL B 41 8.52 -7.20 8.20
C VAL B 41 7.01 -6.99 8.03
N GLN B 42 6.21 -7.60 8.88
CA GLN B 42 4.81 -7.24 8.98
C GLN B 42 4.54 -7.15 10.47
N PHE B 43 4.50 -5.93 10.99
CA PHE B 43 4.23 -5.68 12.40
C PHE B 43 2.86 -5.02 12.60
N SER B 44 2.31 -5.11 13.79
CA SER B 44 0.99 -4.54 14.08
C SER B 44 1.00 -3.02 14.02
N ASN B 45 2.17 -2.43 14.41
CA ASN B 45 2.41 -0.99 14.53
C ASN B 45 3.93 -0.76 14.61
N HIS B 46 4.37 0.51 14.51
CA HIS B 46 5.80 0.80 14.54
C HIS B 46 6.35 0.58 15.98
N THR B 47 7.65 0.44 16.10
CA THR B 47 8.29 0.05 17.37
C THR B 47 8.29 1.14 18.44
N GLN B 48 8.03 2.43 18.08
CA GLN B 48 8.11 3.53 19.05
C GLN B 48 6.90 3.59 19.97
N TYR B 49 5.91 2.70 19.78
CA TYR B 49 4.83 2.52 20.77
C TYR B 49 5.38 1.76 22.01
N GLY B 50 6.55 1.13 21.88
CA GLY B 50 7.19 0.35 22.95
C GLY B 50 6.83 -1.12 22.95
N HIS B 51 5.86 -1.52 22.10
CA HIS B 51 5.41 -2.90 21.93
C HIS B 51 4.71 -3.06 20.57
N TRP B 52 4.82 -4.25 20.00
CA TRP B 52 4.21 -4.63 18.71
C TRP B 52 4.16 -6.14 18.58
N THR B 53 3.34 -6.64 17.66
CA THR B 53 3.28 -8.07 17.34
C THR B 53 3.65 -8.20 15.88
N GLY B 54 3.78 -9.42 15.39
CA GLY B 54 4.13 -9.64 14.00
C GLY B 54 5.43 -10.37 13.85
N CYS B 55 6.03 -10.27 12.64
CA CYS B 55 7.24 -11.02 12.38
C CYS B 55 8.11 -10.34 11.36
N VAL B 56 9.39 -10.69 11.40
CA VAL B 56 10.44 -10.26 10.47
C VAL B 56 10.49 -11.32 9.38
N PRO B 58 12.16 -13.77 6.59
CA PRO B 58 13.53 -14.32 6.46
C PRO B 58 14.31 -13.54 5.41
N ALA B 59 15.59 -13.22 5.65
CA ALA B 59 16.36 -12.42 4.69
C ALA B 59 16.32 -13.05 3.29
N SER B 60 16.35 -14.40 3.21
CA SER B 60 16.31 -15.15 1.92
C SER B 60 14.97 -14.90 1.16
N HIS B 61 13.86 -14.57 1.90
CA HIS B 61 12.58 -14.24 1.26
C HIS B 61 12.72 -13.04 0.31
N LEU B 62 13.51 -12.02 0.70
CA LEU B 62 13.67 -10.81 -0.11
C LEU B 62 14.26 -11.14 -1.48
N THR B 63 15.30 -11.98 -1.53
CA THR B 63 15.89 -12.36 -2.83
C THR B 63 14.97 -13.34 -3.59
N ASP B 64 14.18 -14.14 -2.88
CA ASP B 64 13.21 -15.01 -3.52
C ASP B 64 12.17 -14.20 -4.30
N ILE B 65 11.65 -13.15 -3.68
CA ILE B 65 10.68 -12.25 -4.33
C ILE B 65 11.26 -11.66 -5.61
N VAL B 66 12.49 -11.14 -5.52
CA VAL B 66 13.15 -10.49 -6.66
C VAL B 66 13.31 -11.52 -7.81
N GLN B 67 13.68 -12.77 -7.48
CA GLN B 67 13.78 -13.83 -8.50
C GLN B 67 12.41 -14.07 -9.14
N GLY B 68 11.34 -14.04 -8.33
CA GLY B 68 10.00 -14.24 -8.86
C GLY B 68 9.60 -13.19 -9.88
N ILE B 69 9.98 -11.92 -9.61
CA ILE B 69 9.67 -10.81 -10.53
C ILE B 69 10.52 -10.98 -11.80
N ALA B 70 11.76 -11.49 -11.66
CA ALA B 70 12.59 -11.75 -12.84
C ALA B 70 12.00 -12.94 -13.67
N ASP B 71 11.37 -13.94 -12.99
CA ASP B 71 10.75 -15.11 -13.61
C ASP B 71 9.56 -14.74 -14.51
N ILE B 72 8.89 -13.62 -14.27
CA ILE B 72 7.81 -13.16 -15.14
C ILE B 72 8.32 -12.07 -16.11
N ASP B 73 9.67 -11.92 -16.22
N ASP B 73 9.67 -11.92 -16.24
CA ASP B 73 10.41 -10.95 -17.06
CA ASP B 73 10.35 -10.96 -17.13
C ASP B 73 9.94 -9.51 -16.85
C ASP B 73 9.94 -9.50 -16.86
N ARG B 74 9.67 -9.15 -15.59
CA ARG B 74 9.24 -7.78 -15.25
C ARG B 74 10.29 -7.02 -14.44
N LEU B 75 11.37 -7.69 -14.00
CA LEU B 75 12.39 -7.01 -13.20
C LEU B 75 13.09 -5.88 -14.01
N LYS B 76 13.16 -6.03 -15.35
CA LYS B 76 13.74 -5.02 -16.24
C LYS B 76 12.93 -3.69 -16.21
N ASP B 77 11.65 -3.73 -15.73
CA ASP B 77 10.80 -2.54 -15.64
C ASP B 77 11.14 -1.68 -14.40
N CYS B 78 11.94 -2.21 -13.47
CA CYS B 78 12.31 -1.49 -12.26
C CYS B 78 13.30 -0.37 -12.59
N ASP B 79 12.90 0.88 -12.24
CA ASP B 79 13.72 2.08 -12.49
C ASP B 79 14.56 2.47 -11.28
N ALA B 80 14.19 1.99 -10.08
CA ALA B 80 14.95 2.31 -8.87
C ALA B 80 14.62 1.38 -7.73
N VAL B 81 15.60 1.15 -6.87
CA VAL B 81 15.46 0.39 -5.63
C VAL B 81 15.59 1.40 -4.47
N LEU B 82 14.67 1.33 -3.49
CA LEU B 82 14.65 2.22 -2.35
C LEU B 82 14.75 1.40 -1.06
N SER B 83 15.68 1.78 -0.18
CA SER B 83 15.80 1.14 1.11
C SER B 83 15.89 2.19 2.21
N GLY B 84 15.40 1.82 3.39
CA GLY B 84 15.42 2.69 4.55
C GLY B 84 15.97 1.90 5.73
N TYR B 85 15.17 1.82 6.78
CA TYR B 85 15.58 1.12 7.98
C TYR B 85 15.83 -0.35 7.68
N ILE B 86 16.95 -0.83 8.20
CA ILE B 86 17.40 -2.22 8.03
C ILE B 86 17.67 -2.79 9.43
N GLY B 87 17.04 -3.93 9.73
CA GLY B 87 17.07 -4.57 11.05
C GLY B 87 18.30 -5.40 11.38
N SER B 88 19.08 -5.78 10.37
CA SER B 88 20.28 -6.62 10.56
C SER B 88 21.19 -6.53 9.35
N PRO B 89 22.50 -6.84 9.51
CA PRO B 89 23.40 -6.85 8.34
C PRO B 89 23.03 -7.90 7.28
N GLU B 90 22.45 -9.05 7.71
CA GLU B 90 22.01 -10.13 6.82
C GLU B 90 20.89 -9.62 5.91
N GLN B 91 19.96 -8.89 6.50
CA GLN B 91 18.88 -8.28 5.74
C GLN B 91 19.47 -7.27 4.75
N GLY B 92 20.45 -6.51 5.21
CA GLY B 92 21.09 -5.56 4.35
C GLY B 92 21.80 -6.20 3.18
N SER B 93 22.50 -7.29 3.43
CA SER B 93 23.21 -7.97 2.32
C SER B 93 22.22 -8.47 1.27
N HIS B 94 21.03 -8.98 1.69
CA HIS B 94 20.02 -9.45 0.74
C HIS B 94 19.40 -8.27 -0.03
N ILE B 95 19.30 -7.09 0.59
CA ILE B 95 18.80 -5.89 -0.10
C ILE B 95 19.82 -5.53 -1.19
N LEU B 96 21.14 -5.59 -0.91
CA LEU B 96 22.13 -5.24 -1.94
C LEU B 96 22.18 -6.29 -3.05
N ALA B 97 21.85 -7.54 -2.72
CA ALA B 97 21.76 -8.61 -3.73
C ALA B 97 20.55 -8.30 -4.65
N ALA B 98 19.46 -7.74 -4.10
CA ALA B 98 18.28 -7.32 -4.89
C ALA B 98 18.66 -6.17 -5.83
N VAL B 99 19.42 -5.18 -5.30
CA VAL B 99 19.92 -4.03 -6.08
C VAL B 99 20.76 -4.55 -7.28
N ALA B 100 21.72 -5.46 -7.02
CA ALA B 100 22.60 -6.04 -8.04
C ALA B 100 21.77 -6.79 -9.09
N GLN B 101 20.73 -7.52 -8.67
CA GLN B 101 19.91 -8.26 -9.63
C GLN B 101 19.10 -7.29 -10.50
N VAL B 102 18.54 -6.23 -9.90
CA VAL B 102 17.75 -5.25 -10.67
C VAL B 102 18.66 -4.56 -11.72
N LYS B 103 19.88 -4.17 -11.34
CA LYS B 103 20.78 -3.48 -12.27
C LYS B 103 21.23 -4.39 -13.42
N GLN B 104 21.26 -5.71 -13.21
CA GLN B 104 21.55 -6.63 -14.30
C GLN B 104 20.37 -6.63 -15.31
N ALA B 105 19.14 -6.59 -14.79
CA ALA B 105 17.93 -6.56 -15.64
C ALA B 105 17.74 -5.20 -16.27
N ASN B 106 18.08 -4.13 -15.53
CA ASN B 106 17.98 -2.76 -16.03
C ASN B 106 19.23 -1.98 -15.61
N PRO B 107 20.22 -1.84 -16.53
CA PRO B 107 21.46 -1.11 -16.18
C PRO B 107 21.27 0.38 -15.85
N ASP B 108 20.11 0.98 -16.18
CA ASP B 108 19.86 2.40 -15.87
C ASP B 108 19.17 2.58 -14.48
N ALA B 109 18.86 1.47 -13.77
CA ALA B 109 18.18 1.54 -12.47
C ALA B 109 19.07 2.20 -11.42
N TRP B 110 18.46 3.00 -10.51
CA TRP B 110 19.18 3.69 -9.43
C TRP B 110 18.98 3.01 -8.11
N TYR B 111 19.99 3.08 -7.20
CA TYR B 111 19.79 2.62 -5.84
C TYR B 111 19.81 3.85 -4.94
N PHE B 112 18.64 4.14 -4.33
CA PHE B 112 18.45 5.25 -3.36
C PHE B 112 18.50 4.65 -1.98
N CYS B 113 19.53 4.99 -1.21
CA CYS B 113 19.70 4.43 0.15
C CYS B 113 19.49 5.49 1.21
N ASP B 114 18.46 5.33 2.07
CA ASP B 114 18.32 6.16 3.25
C ASP B 114 19.12 5.40 4.33
N PRO B 115 20.32 5.87 4.76
CA PRO B 115 21.12 5.05 5.69
C PRO B 115 20.70 5.25 7.14
N VAL B 116 19.52 4.77 7.52
CA VAL B 116 18.99 5.09 8.84
C VAL B 116 19.80 4.51 10.00
N GLY B 118 19.59 6.66 13.22
CA GLY B 118 19.03 7.35 14.37
C GLY B 118 18.80 8.83 14.17
N HIS B 119 18.27 9.48 15.21
CA HIS B 119 18.00 10.91 15.20
C HIS B 119 19.15 11.66 15.89
N PRO B 120 19.59 12.83 15.36
CA PRO B 120 20.72 13.55 15.97
C PRO B 120 20.48 14.00 17.41
N GLU B 121 19.20 14.15 17.81
CA GLU B 121 18.78 14.59 19.15
C GLU B 121 18.58 13.41 20.13
N LYS B 122 18.36 12.17 19.62
CA LYS B 122 18.13 10.99 20.45
C LYS B 122 19.36 10.07 20.48
N GLY B 123 19.96 9.82 19.32
CA GLY B 123 21.12 8.94 19.20
C GLY B 123 20.82 7.72 18.35
N CYS B 124 21.81 6.80 18.23
CA CYS B 124 21.75 5.58 17.42
C CYS B 124 20.67 4.60 17.92
N ILE B 125 19.88 4.09 17.00
CA ILE B 125 18.86 3.08 17.29
C ILE B 125 19.05 1.80 16.48
N VAL B 126 20.11 1.72 15.69
CA VAL B 126 20.37 0.55 14.85
C VAL B 126 20.97 -0.65 15.57
N ALA B 127 20.70 -1.85 15.04
CA ALA B 127 21.22 -3.09 15.57
C ALA B 127 22.72 -3.24 15.28
N PRO B 128 23.42 -4.04 16.10
CA PRO B 128 24.87 -4.23 15.86
C PRO B 128 25.19 -4.65 14.42
N GLY B 129 26.26 -4.10 13.86
CA GLY B 129 26.71 -4.40 12.51
C GLY B 129 26.04 -3.62 11.38
N VAL B 130 24.91 -2.95 11.68
CA VAL B 130 24.16 -2.20 10.63
C VAL B 130 24.92 -0.92 10.24
N ALA B 131 25.54 -0.21 11.21
CA ALA B 131 26.31 0.99 10.89
C ALA B 131 27.48 0.65 9.98
N GLU B 132 28.19 -0.46 10.29
CA GLU B 132 29.30 -0.97 9.48
C GLU B 132 28.81 -1.34 8.08
N PHE B 133 27.63 -2.01 7.98
CA PHE B 133 27.04 -2.40 6.70
C PHE B 133 26.80 -1.16 5.83
N PHE B 134 26.24 -0.07 6.41
CA PHE B 134 25.99 1.13 5.62
C PHE B 134 27.28 1.75 5.09
N CYS B 135 28.30 1.91 5.96
N CYS B 135 28.30 1.89 5.97
CA CYS B 135 29.57 2.54 5.62
CA CYS B 135 29.59 2.51 5.63
C CYS B 135 30.38 1.76 4.57
C CYS B 135 30.34 1.76 4.53
N ASN B 136 30.57 0.47 4.76
CA ASN B 136 31.35 -0.34 3.83
C ASN B 136 30.61 -1.13 2.74
N GLU B 137 29.29 -1.27 2.85
CA GLU B 137 28.54 -2.03 1.85
C GLU B 137 27.51 -1.23 1.04
N ALA B 138 26.54 -0.65 1.74
CA ALA B 138 25.48 0.14 1.10
C ALA B 138 25.95 1.41 0.40
N LEU B 139 26.84 2.15 1.05
CA LEU B 139 27.37 3.40 0.49
C LEU B 139 28.07 3.14 -0.86
N PRO B 140 29.04 2.18 -1.00
CA PRO B 140 29.68 1.97 -2.31
C PRO B 140 28.73 1.57 -3.45
N ALA B 141 27.60 0.89 -3.12
CA ALA B 141 26.61 0.42 -4.10
C ALA B 141 25.53 1.46 -4.42
N SER B 142 25.43 2.55 -3.63
CA SER B 142 24.38 3.55 -3.79
C SER B 142 24.62 4.58 -4.90
N ASP B 143 23.53 5.05 -5.49
CA ASP B 143 23.56 6.12 -6.47
C ASP B 143 23.11 7.42 -5.83
N ILE B 145 22.17 8.93 -1.64
CA ILE B 145 22.08 8.63 -0.22
C ILE B 145 21.47 9.82 0.51
N ALA B 146 20.72 9.56 1.58
CA ALA B 146 20.05 10.63 2.28
C ALA B 146 20.28 10.60 3.79
N PRO B 147 21.53 10.78 4.18
CA PRO B 147 21.90 10.80 5.59
C PRO B 147 21.46 12.07 6.32
N ASN B 148 21.05 11.94 7.57
CA ASN B 148 20.81 13.12 8.40
C ASN B 148 22.20 13.53 8.95
N LEU B 149 22.29 14.54 9.83
CA LEU B 149 23.61 14.94 10.36
C LEU B 149 24.37 13.75 11.02
N LEU B 150 23.72 13.04 11.95
CA LEU B 150 24.28 11.89 12.69
C LEU B 150 24.81 10.82 11.72
N GLU B 151 24.05 10.53 10.66
CA GLU B 151 24.41 9.53 9.65
C GLU B 151 25.50 10.04 8.73
N LEU B 152 25.53 11.36 8.40
CA LEU B 152 26.60 11.92 7.57
C LEU B 152 27.96 11.84 8.32
N GLU B 153 27.92 12.02 9.66
CA GLU B 153 29.10 11.98 10.54
C GLU B 153 29.59 10.54 10.70
N GLN B 154 28.64 9.59 10.90
CA GLN B 154 28.93 8.17 11.03
C GLN B 154 29.59 7.63 9.77
N LEU B 155 29.01 7.93 8.57
CA LEU B 155 29.51 7.44 7.29
C LEU B 155 30.88 8.01 6.93
N SER B 156 31.18 9.24 7.36
CA SER B 156 32.46 9.91 7.03
C SER B 156 33.50 9.73 8.14
N GLY B 157 33.05 9.56 9.39
CA GLY B 157 33.91 9.47 10.56
C GLY B 157 34.45 10.83 10.95
N GLU B 158 33.79 11.88 10.45
CA GLU B 158 34.16 13.29 10.65
C GLU B 158 33.08 14.07 11.37
N ARG B 159 33.48 15.07 12.16
CA ARG B 159 32.56 16.01 12.81
C ARG B 159 32.14 17.01 11.73
N VAL B 160 30.84 17.34 11.66
CA VAL B 160 30.33 18.31 10.69
C VAL B 160 29.73 19.46 11.51
N GLU B 161 30.32 20.66 11.40
CA GLU B 161 29.91 21.83 12.20
C GLU B 161 29.04 22.84 11.45
N ASN B 162 29.14 22.92 10.11
CA ASN B 162 28.38 23.88 9.33
C ASN B 162 28.06 23.36 7.92
N VAL B 163 27.33 24.18 7.11
CA VAL B 163 26.90 23.88 5.75
C VAL B 163 28.11 23.69 4.80
N GLU B 164 29.15 24.56 4.91
CA GLU B 164 30.37 24.47 4.08
C GLU B 164 31.01 23.09 4.21
N GLN B 165 31.18 22.63 5.48
CA GLN B 165 31.75 21.33 5.84
C GLN B 165 30.86 20.19 5.33
N ALA B 166 29.52 20.30 5.55
CA ALA B 166 28.53 19.30 5.13
C ALA B 166 28.61 19.03 3.64
N VAL B 167 28.75 20.11 2.82
CA VAL B 167 28.92 20.01 1.37
C VAL B 167 30.21 19.18 1.07
N GLN B 168 31.35 19.58 1.68
CA GLN B 168 32.66 18.93 1.42
C GLN B 168 32.65 17.46 1.84
N VAL B 169 32.10 17.16 3.02
CA VAL B 169 31.96 15.81 3.58
C VAL B 169 31.02 14.98 2.68
N ALA B 170 29.88 15.56 2.20
CA ALA B 170 28.95 14.89 1.26
C ALA B 170 29.68 14.51 -0.02
N ARG B 171 30.54 15.41 -0.54
CA ARG B 171 31.30 15.17 -1.77
C ARG B 171 32.37 14.09 -1.55
N SER B 172 32.83 13.90 -0.30
CA SER B 172 33.80 12.84 0.03
C SER B 172 33.07 11.47 0.04
N LEU B 173 31.80 11.44 0.49
CA LEU B 173 30.99 10.22 0.49
C LEU B 173 30.67 9.81 -0.96
N CYS B 174 30.41 10.82 -1.80
CA CYS B 174 30.16 10.69 -3.25
C CYS B 174 31.26 9.93 -3.96
N ALA B 175 32.53 10.23 -3.63
CA ALA B 175 33.71 9.57 -4.23
C ALA B 175 33.70 8.05 -3.96
N ARG B 176 33.04 7.62 -2.88
CA ARG B 176 32.93 6.22 -2.52
C ARG B 176 31.75 5.52 -3.24
N GLY B 177 30.92 6.26 -3.99
CA GLY B 177 29.80 5.64 -4.71
C GLY B 177 28.66 6.50 -5.24
N PRO B 178 27.87 7.21 -4.37
CA PRO B 178 26.69 7.91 -4.88
C PRO B 178 26.97 9.22 -5.60
N LYS B 179 26.08 9.62 -6.52
CA LYS B 179 26.20 10.85 -7.30
C LYS B 179 25.40 11.99 -6.67
N VAL B 180 24.43 11.65 -5.79
CA VAL B 180 23.57 12.64 -5.16
C VAL B 180 23.53 12.37 -3.65
N VAL B 181 23.68 13.42 -2.84
CA VAL B 181 23.60 13.32 -1.41
C VAL B 181 22.56 14.29 -0.92
N LEU B 182 21.56 13.77 -0.20
CA LEU B 182 20.61 14.63 0.47
C LEU B 182 20.89 14.61 1.97
N VAL B 183 21.32 15.75 2.52
CA VAL B 183 21.50 15.87 3.97
C VAL B 183 20.10 16.21 4.44
N LYS B 184 19.34 15.18 4.78
CA LYS B 184 17.92 15.31 5.12
C LYS B 184 17.62 16.10 6.38
N HIS B 185 18.55 16.10 7.32
CA HIS B 185 18.41 16.88 8.54
C HIS B 185 19.78 17.45 8.97
N LEU B 186 19.96 18.74 8.72
CA LEU B 186 21.19 19.45 9.11
C LEU B 186 21.43 19.55 10.62
N SER B 187 20.35 19.70 11.38
CA SER B 187 20.45 19.80 12.82
C SER B 187 21.32 20.99 13.25
N ARG B 188 22.25 20.75 14.15
CA ARG B 188 23.11 21.81 14.68
C ARG B 188 24.04 22.42 13.61
N ALA B 189 24.30 21.67 12.55
CA ALA B 189 25.19 22.13 11.49
C ALA B 189 24.48 23.11 10.52
N GLY B 190 23.20 23.41 10.77
CA GLY B 190 22.44 24.34 9.96
C GLY B 190 22.81 25.78 10.24
N TYR B 191 22.18 26.74 9.53
CA TYR B 191 22.44 28.16 9.73
C TYR B 191 21.68 28.75 10.91
N HIS B 192 20.42 28.31 11.13
CA HIS B 192 19.58 28.89 12.17
C HIS B 192 18.93 27.81 13.03
N ALA B 193 19.07 27.94 14.36
CA ALA B 193 18.55 27.00 15.36
C ALA B 193 17.03 26.84 15.31
N ASP B 194 16.32 27.90 14.88
CA ASP B 194 14.85 27.94 14.83
C ASP B 194 14.28 27.46 13.49
N CYS B 195 15.13 26.83 12.65
CA CYS B 195 14.69 26.36 11.34
C CYS B 195 15.09 24.91 11.07
N PHE B 196 14.21 24.14 10.39
CA PHE B 196 14.54 22.80 9.92
C PHE B 196 15.26 23.01 8.61
N GLU B 197 16.41 22.37 8.40
CA GLU B 197 17.21 22.61 7.20
C GLU B 197 17.68 21.35 6.49
N LEU B 199 20.07 19.89 2.76
CA LEU B 199 21.06 20.19 1.75
C LEU B 199 21.05 19.13 0.65
N LEU B 200 21.00 19.55 -0.61
CA LEU B 200 21.05 18.62 -1.75
C LEU B 200 22.36 18.85 -2.48
N VAL B 201 23.23 17.82 -2.58
CA VAL B 201 24.57 17.99 -3.14
C VAL B 201 24.82 17.05 -4.33
N THR B 202 25.40 17.62 -5.41
CA THR B 202 25.88 16.92 -6.60
C THR B 202 27.36 17.31 -6.81
N ALA B 203 27.98 16.80 -7.89
CA ALA B 203 29.38 17.11 -8.21
C ALA B 203 29.57 18.60 -8.49
N ASP B 204 28.67 19.17 -9.31
CA ASP B 204 28.67 20.55 -9.79
C ASP B 204 27.93 21.56 -8.90
N ASP B 205 26.88 21.13 -8.15
CA ASP B 205 26.11 22.08 -7.34
C ASP B 205 25.66 21.57 -5.98
N ALA B 206 25.23 22.51 -5.14
CA ALA B 206 24.64 22.29 -3.82
C ALA B 206 23.51 23.30 -3.58
N TRP B 207 22.36 22.83 -3.09
CA TRP B 207 21.21 23.67 -2.76
C TRP B 207 20.89 23.52 -1.30
N HIS B 208 20.60 24.63 -0.67
CA HIS B 208 20.24 24.67 0.73
C HIS B 208 18.75 25.09 0.84
N ILE B 209 17.99 24.49 1.76
CA ILE B 209 16.59 24.86 1.90
C ILE B 209 16.25 24.91 3.37
N CYS B 210 15.31 25.79 3.75
N CYS B 210 15.24 25.69 3.71
CA CYS B 210 14.84 25.99 5.13
CA CYS B 210 14.85 25.95 5.06
C CYS B 210 13.32 25.94 5.20
C CYS B 210 13.33 26.02 5.23
N ARG B 211 12.80 25.55 6.37
N ARG B 211 12.82 25.51 6.35
CA ARG B 211 11.38 25.56 6.67
CA ARG B 211 11.39 25.58 6.67
C ARG B 211 11.19 25.68 8.19
C ARG B 211 11.21 25.72 8.20
N PRO B 212 10.06 26.22 8.71
CA PRO B 212 9.91 26.33 10.16
C PRO B 212 9.86 24.97 10.85
N LEU B 213 10.24 24.92 12.13
CA LEU B 213 10.19 23.70 12.94
C LEU B 213 8.76 23.39 13.30
N VAL B 214 8.43 22.11 13.48
CA VAL B 214 7.11 21.68 13.94
C VAL B 214 7.35 21.07 15.31
N ASP B 215 6.77 21.65 16.35
CA ASP B 215 7.04 21.14 17.70
C ASP B 215 5.99 20.12 18.11
N PHE B 216 6.37 18.84 18.01
CA PHE B 216 5.50 17.74 18.43
C PHE B 216 5.75 17.38 19.89
N GLY B 217 6.69 18.07 20.51
CA GLY B 217 7.05 17.79 21.90
C GLY B 217 7.59 16.38 22.14
N LYS B 218 7.02 15.72 23.14
CA LYS B 218 7.48 14.40 23.54
C LYS B 218 7.34 13.30 22.50
N ARG B 219 6.24 13.28 21.78
CA ARG B 219 5.98 12.22 20.79
C ARG B 219 6.03 12.71 19.33
N GLN B 220 7.22 12.60 18.74
CA GLN B 220 7.49 12.96 17.35
C GLN B 220 6.98 11.82 16.44
N PRO B 221 6.13 12.09 15.41
CA PRO B 221 5.67 10.99 14.55
C PRO B 221 6.80 10.31 13.81
N VAL B 222 6.67 9.01 13.62
CA VAL B 222 7.65 8.20 12.89
C VAL B 222 7.37 8.33 11.37
N GLY B 223 8.41 8.20 10.55
CA GLY B 223 8.24 8.18 9.10
C GLY B 223 8.57 9.43 8.31
N VAL B 224 8.93 10.54 8.98
CA VAL B 224 9.28 11.79 8.28
C VAL B 224 10.46 11.56 7.31
N GLY B 225 11.50 10.87 7.79
CA GLY B 225 12.66 10.52 6.98
C GLY B 225 12.28 9.60 5.83
N ASP B 226 11.42 8.59 6.11
CA ASP B 226 10.95 7.65 5.09
C ASP B 226 10.19 8.40 4.00
N LEU B 227 9.31 9.34 4.40
CA LEU B 227 8.52 10.13 3.43
C LEU B 227 9.42 11.06 2.61
N THR B 228 10.40 11.73 3.26
CA THR B 228 11.34 12.66 2.63
C THR B 228 12.13 11.93 1.56
N SER B 229 12.73 10.78 1.92
CA SER B 229 13.52 9.98 0.97
C SER B 229 12.69 9.50 -0.22
N GLY B 230 11.51 8.92 0.06
CA GLY B 230 10.62 8.42 -0.99
C GLY B 230 10.17 9.50 -1.96
N LEU B 231 9.78 10.67 -1.43
CA LEU B 231 9.30 11.76 -2.30
C LEU B 231 10.45 12.37 -3.10
N LEU B 232 11.68 12.35 -2.58
CA LEU B 232 12.77 12.88 -3.38
C LEU B 232 13.03 11.94 -4.56
N LEU B 233 13.03 10.63 -4.30
CA LEU B 233 13.23 9.64 -5.35
C LEU B 233 12.18 9.82 -6.47
N VAL B 234 10.91 9.96 -6.10
CA VAL B 234 9.82 10.17 -7.06
C VAL B 234 10.07 11.41 -7.91
N ASN B 235 10.41 12.57 -7.28
CA ASN B 235 10.66 13.81 -8.02
C ASN B 235 11.79 13.66 -9.03
N LEU B 236 12.88 12.96 -8.65
CA LEU B 236 14.05 12.76 -9.50
C LEU B 236 13.73 11.80 -10.63
N LEU B 237 12.93 10.74 -10.36
CA LEU B 237 12.53 9.80 -11.41
C LEU B 237 11.63 10.48 -12.43
N LYS B 238 10.77 11.41 -11.96
CA LYS B 238 9.83 12.15 -12.80
C LYS B 238 10.52 13.25 -13.65
N GLY B 239 11.84 13.35 -13.53
CA GLY B 239 12.67 14.29 -14.27
C GLY B 239 12.69 15.71 -13.74
N GLU B 240 12.30 15.91 -12.48
CA GLU B 240 12.30 17.26 -11.90
C GLU B 240 13.73 17.78 -11.75
N PRO B 241 13.98 19.10 -12.04
CA PRO B 241 15.29 19.67 -11.75
C PRO B 241 15.55 19.57 -10.25
N LEU B 242 16.83 19.41 -9.84
CA LEU B 242 17.23 19.20 -8.46
C LEU B 242 16.69 20.25 -7.49
N ASP B 243 16.66 21.55 -7.89
CA ASP B 243 16.15 22.58 -7.00
C ASP B 243 14.63 22.41 -6.82
N LYS B 244 13.89 22.15 -7.91
CA LYS B 244 12.42 21.98 -7.86
C LYS B 244 12.05 20.74 -7.05
N ALA B 245 12.82 19.65 -7.24
CA ALA B 245 12.64 18.40 -6.51
C ALA B 245 12.74 18.66 -5.00
N LEU B 246 13.82 19.34 -4.58
CA LEU B 246 14.05 19.65 -3.16
C LEU B 246 12.92 20.51 -2.59
N GLU B 247 12.46 21.53 -3.35
CA GLU B 247 11.38 22.45 -2.94
C GLU B 247 10.05 21.71 -2.77
N HIS B 248 9.74 20.77 -3.67
CA HIS B 248 8.49 20.02 -3.55
C HIS B 248 8.52 19.13 -2.30
N VAL B 249 9.60 18.35 -2.11
CA VAL B 249 9.77 17.45 -0.95
C VAL B 249 9.63 18.24 0.34
N THR B 250 10.36 19.39 0.44
CA THR B 250 10.38 20.22 1.64
C THR B 250 8.96 20.66 2.01
N ALA B 251 8.19 21.20 1.05
CA ALA B 251 6.83 21.66 1.33
C ALA B 251 5.83 20.51 1.56
N ALA B 252 5.89 19.44 0.75
CA ALA B 252 4.97 18.28 0.86
C ALA B 252 5.11 17.60 2.24
N VAL B 253 6.35 17.38 2.69
CA VAL B 253 6.57 16.75 4.01
C VAL B 253 6.05 17.66 5.15
N TYR B 254 6.34 18.96 5.06
CA TYR B 254 5.90 19.95 6.05
C TYR B 254 4.37 19.94 6.18
N GLU B 255 3.65 19.91 5.05
CA GLU B 255 2.19 19.89 5.04
C GLU B 255 1.61 18.63 5.69
N VAL B 256 2.25 17.47 5.46
CA VAL B 256 1.79 16.21 6.10
C VAL B 256 1.95 16.37 7.63
N LEU B 258 2.06 19.23 9.39
CA LEU B 258 1.06 20.18 9.93
C LEU B 258 -0.30 19.53 10.10
N LYS B 259 -0.74 18.75 9.08
CA LYS B 259 -2.03 18.03 9.10
C LYS B 259 -2.07 17.08 10.28
N THR B 260 -0.96 16.37 10.52
CA THR B 260 -0.82 15.43 11.66
C THR B 260 -1.04 16.18 12.98
N GLN B 261 -0.34 17.31 13.16
CA GLN B 261 -0.47 18.12 14.40
C GLN B 261 -1.88 18.69 14.54
N GLU B 262 -2.45 19.21 13.44
CA GLU B 262 -3.82 19.76 13.45
C GLU B 262 -4.84 18.73 13.91
N GLY B 264 -4.22 16.25 15.86
CA GLY B 264 -3.79 15.76 17.18
C GLY B 264 -3.43 14.28 17.14
N GLU B 265 -2.87 13.83 16.01
CA GLU B 265 -2.55 12.41 15.82
C GLU B 265 -1.07 12.14 16.03
N TYR B 266 -0.75 10.91 16.44
CA TYR B 266 0.63 10.50 16.62
C TYR B 266 1.16 9.98 15.28
N GLU B 267 0.32 9.29 14.52
CA GLU B 267 0.70 8.71 13.22
C GLU B 267 0.71 9.79 12.14
N LEU B 268 1.73 9.75 11.28
CA LEU B 268 1.92 10.68 10.18
C LEU B 268 0.74 10.52 9.20
N GLN B 269 -0.06 11.59 9.04
CA GLN B 269 -1.33 11.54 8.32
C GLN B 269 -1.15 11.62 6.79
N VAL B 270 -0.49 10.60 6.21
CA VAL B 270 -0.18 10.53 4.77
C VAL B 270 -1.46 10.42 3.88
N VAL B 271 -2.58 9.86 4.40
CA VAL B 271 -3.82 9.76 3.59
C VAL B 271 -4.64 11.07 3.74
N ALA B 272 -4.80 11.60 4.98
CA ALA B 272 -5.57 12.85 5.18
C ALA B 272 -4.92 14.05 4.44
N ALA B 273 -3.56 14.04 4.31
CA ALA B 273 -2.83 15.14 3.66
C ALA B 273 -2.58 14.90 2.17
N GLN B 274 -3.25 13.92 1.53
CA GLN B 274 -2.89 13.53 0.14
C GLN B 274 -2.98 14.65 -0.90
N GLU B 275 -3.95 15.59 -0.79
CA GLU B 275 -4.08 16.68 -1.76
C GLU B 275 -2.88 17.64 -1.68
N THR B 276 -2.35 17.88 -0.46
CA THR B 276 -1.21 18.78 -0.26
C THR B 276 0.13 18.04 -0.52
N ILE B 277 0.11 16.71 -0.73
CA ILE B 277 1.35 15.99 -1.10
C ILE B 277 1.62 16.31 -2.57
N VAL B 278 0.58 16.16 -3.43
CA VAL B 278 0.76 16.44 -4.86
C VAL B 278 0.87 17.97 -5.06
N THR B 279 0.00 18.77 -4.41
CA THR B 279 0.04 20.23 -4.56
C THR B 279 0.12 20.94 -3.21
N PRO B 280 1.34 21.14 -2.65
CA PRO B 280 1.42 21.83 -1.34
C PRO B 280 0.98 23.30 -1.47
N ILE B 281 0.38 23.85 -0.42
CA ILE B 281 -0.04 25.26 -0.33
C ILE B 281 1.19 26.09 0.03
N CYS B 282 1.99 25.60 1.00
CA CYS B 282 3.24 26.20 1.47
C CYS B 282 4.27 26.12 0.37
N GLN B 283 5.06 27.18 0.18
CA GLN B 283 6.13 27.19 -0.81
C GLN B 283 7.43 27.58 -0.13
N PHE B 284 8.46 26.77 -0.37
CA PHE B 284 9.80 27.00 0.17
C PHE B 284 10.73 27.02 -1.00
N THR B 285 11.68 27.96 -1.01
CA THR B 285 12.59 28.14 -2.12
C THR B 285 14.00 27.78 -1.72
N ALA B 286 14.64 26.97 -2.55
CA ALA B 286 16.02 26.54 -2.32
C ALA B 286 16.99 27.67 -2.72
N VAL B 287 18.16 27.72 -2.08
CA VAL B 287 19.19 28.71 -2.39
C VAL B 287 20.41 27.93 -2.88
N ARG B 288 20.87 28.23 -4.11
CA ARG B 288 22.05 27.59 -4.67
C ARG B 288 23.30 28.19 -3.98
N LEU B 289 24.14 27.33 -3.37
CA LEU B 289 25.32 27.77 -2.64
C LEU B 289 26.49 28.13 -3.58
#